data_1BMV
#
_entry.id   1BMV
#
_cell.length_a   311.200
_cell.length_b   284.200
_cell.length_c   350.500
_cell.angle_alpha   90.00
_cell.angle_beta   90.00
_cell.angle_gamma   90.00
#
_symmetry.space_group_name_H-M   'P 2 21 21'
#
loop_
_entity.id
_entity.type
_entity.pdbx_description
1 polymer "RNA (5'-R(*GP*GP*UP*CP*AP*AP*AP*AP*UP*GP*C)-3')"
2 polymer 'PROTEIN (ICOSAHEDRAL VIRUS - A DOMAIN)'
3 polymer 'PROTEIN (ICOSAHEDRAL VIRUS - B AND C DOMAIN)'
#
loop_
_entity_poly.entity_id
_entity_poly.type
_entity_poly.pdbx_seq_one_letter_code
_entity_poly.pdbx_strand_id
1 'polyribonucleotide' GGUCAAAAUGC M
2 'polypeptide(L)'
;SISQQTVWNQMATVRTPLNFDSSKQSFCQFSVDLLGGGISVDKTGDWITLVQNSPISNLLRVAAWKKGCLMVKVVMSGNA
AVKRSDWASLVQVFLTNSNSTEHFDACRWTKSEPHSWELIFPIEVCGPNNGFEMWSSEWANQTSWHLSFLVDNPKQSTTF
DVLLGISQNFEIAGNTLMPAFSVPQANARSSENAESSA
;
1
3 'polypeptide(L)'
;METNLFKLSLDDVETPKGSMLDLKISQSKIALPKNTVGGTILRSDLLANFLTEGNFRASVDLQRTHRIKGMIKMVATVGI
PENTGIALACAMNSSIRGRASSDIYTICSQDCELWNPACTKAMTMSFNPNPCSDAWSLEFLKRTGFHCDIICVTGWTATP
MQDVQVTIDWFISSQECVPRTYCVLNPQNPFVLNRWMGKLTFPQGTSRSVKRMPLSIGGGAGAKSAILMNMPNAVLSMWR
YFVGDLVFEVSKMTSPYIKCTVSFFIAFGNLADDTINFEAFPHKLVQFGEIQEKVVLKFSQEEFLTAWSTQVRPATTLLA
DGCPYLYAMVHDSSVSTIPGDFVIGVKLTIIENMCAYGLNPGISGSRLLGTIPQ
;
2
#
loop_
_chem_comp.id
_chem_comp.type
_chem_comp.name
_chem_comp.formula
A RNA linking ADENOSINE-5'-MONOPHOSPHATE 'C10 H14 N5 O7 P'
C RNA linking CYTIDINE-5'-MONOPHOSPHATE 'C9 H14 N3 O8 P'
G RNA linking GUANOSINE-5'-MONOPHOSPHATE 'C10 H14 N5 O8 P'
U RNA linking URIDINE-5'-MONOPHOSPHATE 'C9 H13 N2 O9 P'
#
# COMPACT_ATOMS: atom_id res chain seq x y z
N SER B 1 3.16 23.53 8.09
CA SER B 1 2.99 22.09 7.78
C SER B 1 2.60 21.94 6.30
N ILE B 2 1.49 21.25 6.16
CA ILE B 2 0.71 21.02 4.92
C ILE B 2 -0.71 21.25 5.36
N SER B 3 -1.32 22.30 4.90
CA SER B 3 -2.65 22.57 5.37
C SER B 3 -3.46 23.39 4.40
N GLN B 4 -4.73 23.18 4.57
CA GLN B 4 -5.77 23.85 3.81
C GLN B 4 -7.01 23.86 4.67
N GLN B 5 -7.73 24.93 4.51
CA GLN B 5 -8.93 25.16 5.29
C GLN B 5 -10.18 24.67 4.58
N THR B 6 -11.04 24.18 5.46
CA THR B 6 -12.37 23.63 5.17
C THR B 6 -12.35 22.52 4.13
N VAL B 7 -11.23 21.84 4.01
CA VAL B 7 -11.17 20.71 3.08
C VAL B 7 -11.10 19.42 3.88
N TRP B 8 -12.29 18.87 3.96
CA TRP B 8 -12.59 17.60 4.60
C TRP B 8 -12.77 16.55 3.51
N ASN B 9 -12.80 15.30 3.84
CA ASN B 9 -13.18 14.38 2.78
C ASN B 9 -14.03 13.23 3.26
N GLN B 10 -14.98 13.00 2.37
CA GLN B 10 -16.06 12.02 2.42
C GLN B 10 -15.56 10.61 2.82
N MET B 11 -16.47 9.88 3.50
CA MET B 11 -16.25 8.46 3.92
C MET B 11 -17.54 7.67 3.81
N ALA B 12 -18.54 8.19 4.45
CA ALA B 12 -19.79 7.50 4.54
C ALA B 12 -20.96 8.24 3.94
N THR B 13 -21.82 7.39 3.49
CA THR B 13 -23.13 7.76 3.01
C THR B 13 -24.00 6.52 3.15
N VAL B 14 -24.80 6.60 4.21
CA VAL B 14 -25.73 5.54 4.60
C VAL B 14 -27.15 5.99 4.39
N ARG B 15 -27.85 5.15 3.69
CA ARG B 15 -29.25 5.36 3.40
C ARG B 15 -30.04 4.23 3.99
N THR B 16 -31.21 4.64 4.37
CA THR B 16 -32.13 3.85 5.11
C THR B 16 -33.08 3.07 4.23
N PRO B 17 -33.45 1.88 4.71
CA PRO B 17 -34.29 0.99 3.98
C PRO B 17 -35.57 1.66 3.67
N LEU B 18 -36.01 1.44 2.45
CA LEU B 18 -37.24 2.02 1.95
C LEU B 18 -38.40 1.15 2.36
N ASN B 19 -38.11 -0.11 2.33
CA ASN B 19 -39.02 -1.13 2.76
C ASN B 19 -38.84 -1.27 4.24
N PHE B 20 -39.71 -0.64 4.92
CA PHE B 20 -39.65 -0.66 6.34
C PHE B 20 -41.05 -0.70 6.86
N ASP B 21 -41.30 -1.80 7.51
CA ASP B 21 -42.59 -2.07 8.07
C ASP B 21 -42.66 -1.56 9.49
N SER B 22 -43.32 -0.42 9.58
CA SER B 22 -43.55 0.21 10.86
C SER B 22 -44.25 -0.79 11.77
N SER B 23 -43.88 -2.05 11.60
CA SER B 23 -44.43 -3.14 12.43
C SER B 23 -43.49 -4.36 12.49
N LYS B 24 -42.64 -4.20 13.45
CA LYS B 24 -41.58 -5.11 13.90
C LYS B 24 -40.55 -4.16 14.47
N GLN B 25 -41.19 -3.02 14.68
CA GLN B 25 -40.68 -1.84 15.38
C GLN B 25 -40.36 -0.60 14.56
N SER B 26 -40.19 0.39 15.44
CA SER B 26 -39.96 1.81 15.19
C SER B 26 -38.55 2.17 14.71
N PHE B 27 -37.55 1.46 15.16
CA PHE B 27 -36.16 1.83 14.82
C PHE B 27 -35.47 0.90 13.82
N CYS B 28 -34.43 1.51 13.27
CA CYS B 28 -33.47 0.91 12.31
C CYS B 28 -32.09 1.09 12.95
N GLN B 29 -31.16 0.21 12.66
CA GLN B 29 -29.85 0.30 13.36
C GLN B 29 -28.68 0.14 12.50
N PHE B 30 -27.64 0.97 12.70
CA PHE B 30 -26.43 0.82 11.86
C PHE B 30 -25.19 1.44 12.48
N SER B 31 -24.07 0.92 11.94
CA SER B 31 -22.74 1.24 12.42
C SER B 31 -21.69 1.48 11.30
N VAL B 32 -20.73 2.35 11.65
CA VAL B 32 -19.59 2.75 10.79
C VAL B 32 -18.26 2.59 11.54
N ASP B 33 -17.40 1.76 10.97
CA ASP B 33 -16.06 1.52 11.52
C ASP B 33 -15.10 2.46 10.81
N LEU B 34 -14.97 3.58 11.49
CA LEU B 34 -14.17 4.76 11.11
C LEU B 34 -12.70 4.46 10.81
N LEU B 35 -12.12 3.62 11.63
CA LEU B 35 -10.69 3.26 11.50
C LEU B 35 -10.48 1.94 10.73
N GLY B 36 -11.60 1.29 10.38
CA GLY B 36 -11.58 -0.03 9.65
C GLY B 36 -12.08 0.11 8.20
N GLY B 37 -13.13 0.92 8.07
CA GLY B 37 -13.76 1.26 6.77
C GLY B 37 -14.94 0.33 6.40
N GLY B 38 -15.78 0.03 7.37
CA GLY B 38 -16.89 -0.89 7.10
C GLY B 38 -18.21 -0.44 7.71
N ILE B 39 -19.21 -0.54 6.88
CA ILE B 39 -20.58 -0.27 7.27
C ILE B 39 -21.25 -1.65 7.44
N SER B 40 -21.76 -1.77 8.65
CA SER B 40 -22.51 -2.94 9.19
C SER B 40 -23.96 -2.46 9.33
N VAL B 41 -24.92 -3.29 8.89
CA VAL B 41 -26.36 -2.89 8.85
C VAL B 41 -27.37 -3.93 9.40
N ASP B 42 -28.61 -3.44 9.43
CA ASP B 42 -29.80 -4.17 9.90
C ASP B 42 -30.19 -5.29 8.94
N LYS B 43 -31.31 -5.91 9.29
CA LYS B 43 -31.93 -6.98 8.51
C LYS B 43 -33.39 -6.61 8.36
N THR B 44 -33.54 -5.33 8.59
CA THR B 44 -34.79 -4.57 8.56
C THR B 44 -35.30 -4.33 7.19
N GLY B 45 -34.35 -4.24 6.32
CA GLY B 45 -34.61 -3.98 4.95
C GLY B 45 -33.38 -4.16 4.10
N ASP B 46 -33.65 -3.61 2.95
CA ASP B 46 -32.71 -3.51 1.90
C ASP B 46 -32.11 -2.09 1.98
N TRP B 47 -30.97 -2.06 2.65
CA TRP B 47 -30.18 -0.83 2.91
C TRP B 47 -29.30 -0.46 1.72
N ILE B 48 -29.15 0.83 1.50
CA ILE B 48 -28.29 1.32 0.43
C ILE B 48 -27.09 2.08 1.04
N THR B 49 -25.96 1.29 1.11
CA THR B 49 -24.63 1.76 1.63
C THR B 49 -23.58 1.89 0.56
N LEU B 50 -22.75 2.84 0.89
CA LEU B 50 -21.63 3.27 0.08
C LEU B 50 -20.54 3.85 0.92
N VAL B 51 -19.37 3.40 0.65
CA VAL B 51 -18.21 4.00 1.25
C VAL B 51 -17.47 4.58 0.08
N GLN B 52 -16.94 5.72 0.33
CA GLN B 52 -16.29 6.53 -0.69
C GLN B 52 -14.76 6.31 -0.72
N ASN B 53 -14.29 6.02 -1.93
CA ASN B 53 -12.86 5.79 -2.20
C ASN B 53 -12.17 7.16 -2.31
N SER B 54 -12.07 7.70 -1.10
CA SER B 54 -11.50 9.03 -0.77
C SER B 54 -10.00 8.95 -0.49
N PRO B 55 -9.27 10.08 -0.55
CA PRO B 55 -7.88 10.05 -0.24
C PRO B 55 -7.76 9.42 1.15
N ILE B 56 -8.53 9.86 2.10
CA ILE B 56 -8.43 9.34 3.49
C ILE B 56 -9.04 7.94 3.66
N SER B 57 -10.30 7.85 3.33
CA SER B 57 -11.02 6.59 3.39
C SER B 57 -10.08 5.52 2.90
N ASN B 58 -9.46 5.89 1.82
CA ASN B 58 -8.50 5.08 1.11
C ASN B 58 -7.28 4.74 1.97
N LEU B 59 -6.83 5.77 2.63
CA LEU B 59 -5.63 5.74 3.45
C LEU B 59 -5.79 4.86 4.72
N LEU B 60 -6.89 5.07 5.42
CA LEU B 60 -7.18 4.36 6.70
C LEU B 60 -7.40 2.86 6.51
N ARG B 61 -7.72 2.47 5.30
CA ARG B 61 -7.98 1.06 4.97
C ARG B 61 -6.69 0.30 4.70
N VAL B 62 -5.69 1.07 4.31
CA VAL B 62 -4.39 0.53 3.90
C VAL B 62 -3.31 0.61 5.00
N ALA B 63 -3.37 1.67 5.81
CA ALA B 63 -2.33 1.97 6.85
C ALA B 63 -2.52 1.21 8.16
N ALA B 64 -1.66 0.21 8.32
CA ALA B 64 -1.69 -0.76 9.44
C ALA B 64 -1.37 -0.19 10.85
N TRP B 65 -0.71 0.91 10.98
CA TRP B 65 -0.41 1.42 12.34
C TRP B 65 -0.87 2.89 12.40
N LYS B 66 -1.75 3.21 13.36
CA LYS B 66 -2.35 4.59 13.42
C LYS B 66 -2.25 5.27 14.81
N LYS B 67 -1.65 6.47 14.81
CA LYS B 67 -1.45 7.33 16.00
C LYS B 67 -1.93 8.76 15.68
N GLY B 68 -2.80 9.33 16.49
CA GLY B 68 -3.21 10.73 16.23
C GLY B 68 -4.72 10.96 16.27
N CYS B 69 -5.03 12.18 15.85
CA CYS B 69 -6.38 12.74 15.84
C CYS B 69 -6.95 12.98 14.45
N LEU B 70 -8.13 12.41 14.29
CA LEU B 70 -8.98 12.52 13.09
C LEU B 70 -10.25 13.27 13.51
N MET B 71 -10.81 13.99 12.57
CA MET B 71 -12.04 14.79 12.81
C MET B 71 -13.21 14.20 12.03
N VAL B 72 -14.31 14.01 12.74
CA VAL B 72 -15.53 13.42 12.16
C VAL B 72 -16.66 14.42 12.02
N LYS B 73 -17.52 14.07 11.08
CA LYS B 73 -18.71 14.84 10.72
C LYS B 73 -19.79 13.91 10.18
N VAL B 74 -20.90 13.94 10.85
CA VAL B 74 -22.09 13.18 10.47
C VAL B 74 -23.19 14.18 10.18
N VAL B 75 -23.80 14.01 9.04
CA VAL B 75 -24.85 14.90 8.62
C VAL B 75 -26.10 14.16 8.25
N MET B 76 -27.16 14.69 8.77
CA MET B 76 -28.47 14.16 8.51
C MET B 76 -29.21 15.04 7.55
N SER B 77 -29.33 14.51 6.41
CA SER B 77 -30.16 15.06 5.38
C SER B 77 -31.43 14.24 5.52
N GLY B 78 -32.57 14.84 5.75
CA GLY B 78 -33.80 13.99 5.86
C GLY B 78 -34.91 14.23 4.80
N ASN B 79 -36.02 13.52 5.06
CA ASN B 79 -37.26 13.59 4.28
C ASN B 79 -37.90 14.94 4.55
N ALA B 80 -37.87 15.74 3.52
CA ALA B 80 -38.34 17.10 3.58
C ALA B 80 -39.73 17.28 3.02
N ALA B 81 -40.43 16.25 2.75
CA ALA B 81 -41.78 16.50 2.33
C ALA B 81 -42.63 16.48 3.61
N VAL B 82 -42.07 15.84 4.64
CA VAL B 82 -42.68 15.73 5.99
C VAL B 82 -42.74 17.12 6.64
N LYS B 83 -43.96 17.51 6.98
CA LYS B 83 -44.24 18.84 7.58
C LYS B 83 -43.79 18.85 9.04
N ARG B 84 -43.01 19.87 9.26
CA ARG B 84 -42.27 20.11 10.50
C ARG B 84 -43.06 20.02 11.81
N SER B 85 -44.36 20.07 11.74
CA SER B 85 -45.17 19.95 12.95
C SER B 85 -45.46 18.48 13.21
N ASP B 86 -45.17 17.73 12.14
CA ASP B 86 -45.42 16.28 12.04
C ASP B 86 -44.12 15.41 12.15
N TRP B 87 -43.05 15.95 12.78
CA TRP B 87 -41.73 15.20 12.94
C TRP B 87 -41.77 14.25 14.16
N ALA B 88 -41.42 13.01 13.91
CA ALA B 88 -41.28 12.01 14.98
C ALA B 88 -40.05 11.23 14.70
N SER B 89 -38.93 11.87 14.96
CA SER B 89 -37.69 11.17 14.83
C SER B 89 -36.50 11.87 15.45
N LEU B 90 -35.91 10.98 16.21
CA LEU B 90 -34.65 11.11 16.92
C LEU B 90 -33.71 10.09 16.30
N VAL B 91 -32.47 10.20 16.66
CA VAL B 91 -31.42 9.30 16.19
C VAL B 91 -30.29 9.34 17.19
N GLN B 92 -30.22 8.25 17.88
CA GLN B 92 -29.26 8.05 18.97
C GLN B 92 -27.91 7.61 18.47
N VAL B 93 -26.90 8.46 18.65
CA VAL B 93 -25.53 8.09 18.20
C VAL B 93 -24.65 7.76 19.42
N PHE B 94 -23.81 6.76 19.12
CA PHE B 94 -22.86 6.09 20.02
C PHE B 94 -21.45 5.99 19.39
N LEU B 95 -20.45 5.99 20.29
CA LEU B 95 -19.01 5.86 19.93
C LEU B 95 -18.35 4.80 20.83
N THR B 96 -18.07 3.66 20.21
CA THR B 96 -17.48 2.49 20.91
C THR B 96 -16.29 1.92 20.10
N ASN B 97 -15.49 1.07 20.76
CA ASN B 97 -14.30 0.44 20.12
C ASN B 97 -14.57 -1.01 19.73
N SER B 98 -15.72 -1.48 20.10
CA SER B 98 -16.14 -2.81 19.71
C SER B 98 -17.62 -2.83 19.47
N ASN B 99 -17.98 -3.87 18.78
CA ASN B 99 -19.33 -4.10 18.36
C ASN B 99 -19.98 -5.08 19.28
N SER B 100 -19.42 -5.08 20.46
CA SER B 100 -19.88 -5.92 21.54
C SER B 100 -20.77 -5.14 22.44
N THR B 101 -21.69 -5.88 22.94
CA THR B 101 -22.67 -5.38 23.85
C THR B 101 -21.98 -5.16 25.21
N GLU B 102 -21.00 -5.99 25.53
CA GLU B 102 -20.31 -5.94 26.85
C GLU B 102 -19.33 -4.79 27.02
N HIS B 103 -19.00 -4.20 25.93
CA HIS B 103 -18.10 -3.06 25.95
C HIS B 103 -18.94 -1.85 26.32
N PHE B 104 -18.31 -0.83 26.83
CA PHE B 104 -19.09 0.36 27.20
C PHE B 104 -18.84 1.51 26.27
N ASP B 105 -19.84 2.35 26.23
CA ASP B 105 -19.86 3.53 25.36
C ASP B 105 -18.90 4.64 25.86
N ALA B 106 -18.20 5.24 24.86
CA ALA B 106 -17.20 6.34 25.02
C ALA B 106 -17.94 7.67 25.08
N CYS B 107 -18.67 7.96 24.03
CA CYS B 107 -19.51 9.16 24.00
C CYS B 107 -20.86 8.71 23.49
N ARG B 108 -21.83 9.53 23.82
CA ARG B 108 -23.22 9.24 23.50
C ARG B 108 -24.00 10.53 23.21
N TRP B 109 -24.35 10.69 21.95
CA TRP B 109 -25.19 11.83 21.52
C TRP B 109 -26.55 11.33 21.05
N THR B 110 -27.52 12.22 21.22
CA THR B 110 -28.93 12.01 20.81
C THR B 110 -29.44 13.31 20.18
N LYS B 111 -29.72 13.27 18.88
CA LYS B 111 -30.16 14.49 18.12
C LYS B 111 -31.56 14.31 17.49
N SER B 112 -32.42 15.32 17.68
CA SER B 112 -33.82 15.26 17.19
C SER B 112 -34.26 16.51 16.51
N GLU B 113 -33.43 16.92 15.64
CA GLU B 113 -33.68 18.10 14.91
C GLU B 113 -34.38 17.78 13.60
N PRO B 114 -35.53 18.42 13.36
CA PRO B 114 -36.27 18.22 12.14
C PRO B 114 -35.44 18.55 10.90
N HIS B 115 -35.65 17.61 9.97
CA HIS B 115 -35.10 17.48 8.60
C HIS B 115 -33.57 17.44 8.52
N SER B 116 -32.86 18.16 9.35
CA SER B 116 -31.40 18.10 9.20
C SER B 116 -30.66 18.48 10.47
N TRP B 117 -29.57 17.76 10.67
CA TRP B 117 -28.68 18.06 11.78
C TRP B 117 -27.23 17.73 11.42
N GLU B 118 -26.36 18.39 12.18
CA GLU B 118 -24.89 18.32 12.04
C GLU B 118 -24.26 17.95 13.41
N LEU B 119 -23.09 17.29 13.36
CA LEU B 119 -22.39 16.81 14.58
C LEU B 119 -20.89 16.63 14.33
N ILE B 120 -20.16 17.60 14.83
CA ILE B 120 -18.72 17.64 14.66
C ILE B 120 -18.00 17.31 15.97
N PHE B 121 -17.17 16.26 15.86
CA PHE B 121 -16.40 15.78 17.02
C PHE B 121 -15.08 15.06 16.68
N PRO B 122 -14.09 15.27 17.57
CA PRO B 122 -12.79 14.60 17.55
C PRO B 122 -12.75 13.15 18.01
N ILE B 123 -11.97 12.39 17.29
CA ILE B 123 -11.60 11.03 17.68
C ILE B 123 -10.06 11.03 17.71
N GLU B 124 -9.49 10.32 18.67
CA GLU B 124 -8.02 10.20 18.82
C GLU B 124 -7.65 8.72 18.97
N VAL B 125 -6.68 8.33 18.17
CA VAL B 125 -6.18 6.95 18.16
C VAL B 125 -4.91 6.83 19.01
N CYS B 126 -5.07 6.15 20.15
CA CYS B 126 -3.98 5.90 21.11
C CYS B 126 -3.78 4.37 21.19
N GLY B 127 -2.52 3.92 21.06
CA GLY B 127 -2.23 2.46 21.03
C GLY B 127 -0.93 2.01 21.73
N PRO B 128 -0.89 0.68 22.00
CA PRO B 128 0.23 -0.03 22.66
C PRO B 128 1.60 -0.14 21.92
N ASN B 129 1.74 0.10 20.60
CA ASN B 129 3.10 -0.08 19.96
C ASN B 129 4.05 0.99 20.52
N ASN B 130 3.91 2.19 20.10
CA ASN B 130 4.68 3.22 20.74
C ASN B 130 3.65 4.32 21.07
N GLY B 131 2.42 4.00 20.75
CA GLY B 131 1.27 4.87 20.96
C GLY B 131 0.45 4.81 19.72
N PHE B 132 0.81 3.77 18.99
CA PHE B 132 0.24 3.37 17.69
C PHE B 132 -0.74 2.19 17.89
N GLU B 133 -1.85 2.22 17.14
CA GLU B 133 -2.92 1.17 17.22
C GLU B 133 -3.20 0.56 15.83
N MET B 134 -3.54 -0.72 15.88
CA MET B 134 -3.86 -1.54 14.69
C MET B 134 -5.28 -2.04 14.78
N TRP B 135 -5.95 -1.96 13.69
CA TRP B 135 -7.32 -2.36 13.64
C TRP B 135 -7.50 -3.77 14.23
N SER B 136 -8.44 -3.77 15.13
CA SER B 136 -8.90 -4.93 15.89
C SER B 136 -7.92 -6.10 15.83
N SER B 137 -6.66 -5.83 16.13
CA SER B 137 -5.63 -6.89 16.14
C SER B 137 -5.64 -7.60 17.50
N GLU B 138 -5.30 -8.85 17.44
CA GLU B 138 -5.28 -9.70 18.62
C GLU B 138 -4.09 -9.31 19.56
N TRP B 139 -3.15 -8.53 19.07
CA TRP B 139 -1.89 -8.20 19.82
C TRP B 139 -2.09 -7.67 21.27
N ALA B 140 -2.79 -6.63 21.47
CA ALA B 140 -3.08 -6.19 22.83
C ALA B 140 -4.58 -6.13 22.89
N ASN B 141 -5.16 -7.27 22.48
CA ASN B 141 -6.61 -7.39 22.35
C ASN B 141 -7.04 -5.98 21.98
N GLN B 142 -6.49 -5.58 20.83
CA GLN B 142 -6.65 -4.24 20.24
C GLN B 142 -8.07 -4.04 19.72
N THR B 143 -8.34 -2.78 19.47
CA THR B 143 -9.67 -2.33 19.17
C THR B 143 -9.68 -1.31 17.98
N SER B 144 -10.77 -0.53 17.87
CA SER B 144 -10.98 0.56 16.84
C SER B 144 -11.75 1.70 17.49
N TRP B 145 -12.53 2.27 16.59
CA TRP B 145 -13.50 3.32 16.87
C TRP B 145 -14.67 3.11 15.96
N HIS B 146 -15.76 3.04 16.60
CA HIS B 146 -17.00 2.78 15.96
C HIS B 146 -18.01 3.80 16.25
N LEU B 147 -18.70 4.10 15.21
CA LEU B 147 -19.78 5.03 15.29
C LEU B 147 -21.05 4.34 14.86
N SER B 148 -21.82 3.98 15.85
CA SER B 148 -23.10 3.32 15.63
C SER B 148 -24.24 4.32 15.76
N PHE B 149 -25.32 3.97 15.10
CA PHE B 149 -26.53 4.80 15.07
C PHE B 149 -27.79 3.97 15.32
N LEU B 150 -28.79 4.72 15.75
CA LEU B 150 -30.14 4.23 16.01
C LEU B 150 -31.11 5.32 15.58
N VAL B 151 -31.85 4.95 14.57
CA VAL B 151 -32.85 5.79 13.92
C VAL B 151 -34.27 5.31 14.30
N ASP B 152 -35.05 6.29 14.78
CA ASP B 152 -36.48 6.13 15.15
C ASP B 152 -37.26 6.92 14.08
N ASN B 153 -38.17 6.21 13.42
CA ASN B 153 -38.94 6.73 12.26
C ASN B 153 -37.91 7.07 11.17
N PRO B 154 -37.31 5.99 10.71
CA PRO B 154 -36.30 5.98 9.66
C PRO B 154 -36.84 6.43 8.32
N LYS B 155 -38.14 6.57 8.25
CA LYS B 155 -38.80 7.00 7.00
C LYS B 155 -38.72 8.52 6.91
N GLN B 156 -38.38 9.10 8.04
CA GLN B 156 -38.25 10.56 8.21
C GLN B 156 -36.75 10.95 8.17
N SER B 157 -36.03 10.45 9.16
CA SER B 157 -34.57 10.66 9.32
C SER B 157 -33.87 9.61 8.45
N THR B 158 -34.11 9.87 7.14
CA THR B 158 -33.70 9.05 5.94
C THR B 158 -32.20 8.87 5.62
N THR B 159 -31.51 9.95 5.39
CA THR B 159 -30.11 9.83 4.95
C THR B 159 -29.07 10.31 5.98
N PHE B 160 -27.91 9.63 5.92
CA PHE B 160 -26.73 9.91 6.79
C PHE B 160 -25.43 9.90 5.97
N ASP B 161 -24.73 11.00 6.15
CA ASP B 161 -23.46 11.31 5.48
C ASP B 161 -22.33 11.49 6.50
N VAL B 162 -21.30 10.66 6.35
CA VAL B 162 -20.14 10.72 7.27
C VAL B 162 -18.86 11.16 6.55
N LEU B 163 -18.38 12.29 7.05
CA LEU B 163 -17.12 12.90 6.61
C LEU B 163 -16.15 12.95 7.79
N LEU B 164 -14.85 12.88 7.46
CA LEU B 164 -13.75 13.06 8.45
C LEU B 164 -12.62 13.86 7.82
N GLY B 165 -11.83 14.32 8.70
CA GLY B 165 -10.72 15.14 8.35
C GLY B 165 -9.56 14.76 9.19
N ILE B 166 -8.43 15.19 8.73
CA ILE B 166 -7.23 14.78 9.37
C ILE B 166 -6.56 15.90 10.18
N SER B 167 -5.85 15.43 11.13
CA SER B 167 -5.12 16.22 12.08
C SER B 167 -3.67 16.33 11.68
N GLN B 168 -3.15 17.49 11.89
CA GLN B 168 -1.78 17.79 11.55
C GLN B 168 -0.89 16.69 12.18
N ASN B 169 -1.37 16.00 13.15
CA ASN B 169 -0.52 15.03 13.89
C ASN B 169 -0.92 13.54 13.77
N PHE B 170 -1.42 13.16 12.60
CA PHE B 170 -1.81 11.76 12.30
C PHE B 170 -0.61 11.04 11.66
N GLU B 171 -0.19 9.99 12.29
CA GLU B 171 0.97 9.30 11.86
C GLU B 171 0.68 7.85 11.81
N ILE B 172 1.05 7.37 10.67
CA ILE B 172 0.89 6.01 10.29
C ILE B 172 2.25 5.46 9.91
N ALA B 173 2.22 4.17 9.76
CA ALA B 173 3.37 3.37 9.41
C ALA B 173 2.96 1.90 9.26
N GLY B 174 3.25 1.38 8.07
CA GLY B 174 3.01 -0.04 7.70
C GLY B 174 1.97 -0.19 6.61
N ASN B 175 1.93 -1.29 5.96
CA ASN B 175 0.90 -1.40 4.96
C ASN B 175 -0.01 -2.60 5.24
N THR B 176 -1.30 -2.31 5.53
CA THR B 176 -2.32 -3.37 5.63
C THR B 176 -2.67 -3.65 4.18
N LEU B 177 -2.21 -4.79 3.75
CA LEU B 177 -2.34 -5.29 2.37
C LEU B 177 -3.83 -5.66 2.11
N MET B 178 -4.51 -4.77 1.36
CA MET B 178 -5.98 -4.88 1.09
C MET B 178 -6.39 -5.12 -0.37
N PRO B 179 -7.51 -5.85 -0.61
CA PRO B 179 -8.01 -6.05 -1.95
C PRO B 179 -8.40 -4.76 -2.56
N ALA B 180 -8.70 -4.90 -3.81
CA ALA B 180 -9.10 -3.83 -4.67
C ALA B 180 -10.42 -3.23 -4.22
N PHE B 181 -10.37 -1.92 -4.15
CA PHE B 181 -11.51 -1.12 -3.81
C PHE B 181 -12.36 -1.01 -5.08
N SER B 182 -13.65 -1.16 -4.89
CA SER B 182 -14.65 -1.12 -5.98
C SER B 182 -15.05 0.32 -6.28
N VAL B 183 -15.02 0.63 -7.56
CA VAL B 183 -15.37 1.98 -8.01
C VAL B 183 -16.53 1.96 -8.91
N PRO B 184 -17.57 2.63 -8.47
CA PRO B 184 -18.80 2.72 -9.18
C PRO B 184 -18.70 3.30 -10.56
N GLN B 185 -19.88 3.08 -11.15
CA GLN B 185 -20.26 3.36 -12.54
C GLN B 185 -19.13 2.85 -13.41
N MET C 1 27.00 -26.78 51.17
CA MET C 1 26.85 -27.67 50.01
C MET C 1 25.65 -27.33 49.05
N GLU C 2 24.87 -26.31 49.34
CA GLU C 2 23.63 -25.98 48.56
C GLU C 2 23.79 -24.89 47.46
N THR C 3 22.92 -24.99 46.43
CA THR C 3 22.90 -24.02 45.32
C THR C 3 21.66 -23.12 45.41
N ASN C 4 21.92 -21.84 45.22
CA ASN C 4 20.87 -20.80 45.20
C ASN C 4 20.40 -20.68 43.77
N LEU C 5 19.13 -20.81 43.61
CA LEU C 5 18.54 -20.78 42.29
C LEU C 5 18.34 -19.34 41.85
N PHE C 6 18.11 -18.54 42.84
CA PHE C 6 17.86 -17.12 42.69
C PHE C 6 19.00 -16.37 42.03
N LYS C 7 20.21 -16.77 42.38
CA LYS C 7 21.41 -16.13 41.85
C LYS C 7 21.92 -16.89 40.64
N LEU C 8 21.03 -17.62 40.04
CA LEU C 8 21.33 -18.39 38.82
C LEU C 8 20.91 -17.48 37.64
N SER C 9 21.56 -17.63 36.51
CA SER C 9 21.31 -16.77 35.33
C SER C 9 20.27 -17.35 34.39
N LEU C 10 19.08 -17.56 34.90
CA LEU C 10 18.00 -18.15 34.10
C LEU C 10 16.97 -17.09 33.69
N ASP C 11 17.24 -15.83 34.00
CA ASP C 11 16.31 -14.72 33.69
C ASP C 11 16.99 -13.60 32.88
N ASP C 12 17.49 -13.98 31.70
CA ASP C 12 18.18 -13.04 30.77
C ASP C 12 17.21 -12.61 29.65
N VAL C 13 16.88 -11.32 29.65
CA VAL C 13 15.90 -10.77 28.69
C VAL C 13 16.59 -10.17 27.43
N GLU C 14 17.68 -10.74 26.97
CA GLU C 14 18.44 -10.06 25.90
C GLU C 14 18.41 -10.66 24.51
N THR C 15 18.49 -9.70 23.58
CA THR C 15 18.50 -9.96 22.15
C THR C 15 19.68 -10.81 21.78
N PRO C 16 19.40 -11.86 21.03
CA PRO C 16 20.38 -12.80 20.62
C PRO C 16 21.45 -12.14 19.82
N LYS C 17 22.62 -12.41 20.26
CA LYS C 17 23.81 -11.94 19.60
C LYS C 17 24.60 -13.14 19.16
N GLY C 18 25.32 -12.98 18.07
CA GLY C 18 26.16 -14.07 17.59
C GLY C 18 26.60 -13.88 16.14
N SER C 19 27.19 -14.97 15.71
CA SER C 19 27.71 -15.15 14.37
C SER C 19 26.54 -15.44 13.44
N MET C 20 26.69 -15.05 12.21
CA MET C 20 25.62 -15.22 11.24
C MET C 20 25.03 -16.64 11.31
N LEU C 21 25.83 -17.57 11.83
CA LEU C 21 25.42 -18.98 11.93
C LEU C 21 24.53 -19.21 13.14
N ASP C 22 25.01 -18.66 14.21
CA ASP C 22 24.38 -18.75 15.53
C ASP C 22 23.02 -18.06 15.54
N LEU C 23 22.92 -17.04 14.72
CA LEU C 23 21.71 -16.21 14.66
C LEU C 23 20.81 -16.57 13.46
N LYS C 24 20.85 -17.86 13.09
CA LYS C 24 20.04 -18.42 11.98
C LYS C 24 18.71 -18.91 12.54
N ILE C 25 17.62 -18.28 12.07
CA ILE C 25 16.28 -18.61 12.56
C ILE C 25 15.53 -19.69 11.68
N SER C 26 15.71 -19.69 10.33
CA SER C 26 14.99 -20.67 9.39
C SER C 26 15.72 -20.86 8.00
N GLN C 27 15.11 -21.77 7.17
CA GLN C 27 15.51 -22.12 5.76
C GLN C 27 14.25 -22.47 4.97
N SER C 28 13.87 -21.55 4.13
CA SER C 28 12.75 -21.76 3.27
C SER C 28 13.29 -22.01 1.93
N LYS C 29 12.65 -22.95 1.36
CA LYS C 29 12.91 -23.41 0.04
C LYS C 29 11.68 -23.01 -0.75
N ILE C 30 11.85 -22.26 -1.79
CA ILE C 30 10.69 -21.86 -2.61
C ILE C 30 10.84 -22.54 -3.98
N ALA C 31 9.66 -22.89 -4.65
CA ALA C 31 9.69 -23.65 -5.92
C ALA C 31 9.37 -22.74 -7.12
N LEU C 32 10.28 -22.79 -8.07
CA LEU C 32 10.21 -22.02 -9.32
C LEU C 32 9.97 -22.98 -10.50
N PRO C 33 8.76 -23.55 -10.63
CA PRO C 33 8.43 -24.44 -11.74
C PRO C 33 8.62 -23.71 -13.08
N LYS C 34 9.43 -24.38 -13.89
CA LYS C 34 9.92 -23.96 -15.24
C LYS C 34 8.81 -23.58 -16.24
N ASN C 35 7.58 -23.67 -15.83
CA ASN C 35 6.44 -23.32 -16.67
C ASN C 35 5.75 -22.08 -16.09
N THR C 36 6.55 -21.37 -15.30
CA THR C 36 6.11 -20.17 -14.55
C THR C 36 5.86 -19.03 -15.53
N VAL C 37 4.75 -18.32 -15.32
CA VAL C 37 4.37 -17.32 -16.31
C VAL C 37 4.47 -15.83 -15.90
N GLY C 38 4.56 -15.47 -14.63
CA GLY C 38 4.69 -14.03 -14.31
C GLY C 38 3.36 -13.47 -13.84
N GLY C 39 3.39 -13.17 -12.59
CA GLY C 39 2.26 -12.65 -11.86
C GLY C 39 1.77 -13.77 -11.04
N THR C 40 2.60 -14.72 -11.05
CA THR C 40 2.40 -15.91 -10.34
C THR C 40 2.86 -15.73 -8.90
N ILE C 41 1.90 -16.08 -7.97
CA ILE C 41 2.24 -16.13 -6.54
C ILE C 41 2.95 -17.45 -6.24
N LEU C 42 4.25 -17.33 -6.05
CA LEU C 42 5.09 -18.49 -5.78
C LEU C 42 4.84 -19.01 -4.38
N ARG C 43 4.56 -18.11 -3.48
CA ARG C 43 4.23 -18.47 -2.10
C ARG C 43 3.92 -17.24 -1.31
N SER C 44 2.70 -17.25 -0.86
CA SER C 44 2.14 -16.20 -0.05
C SER C 44 1.66 -16.84 1.25
N ASP C 45 2.26 -16.42 2.33
CA ASP C 45 1.89 -16.92 3.68
C ASP C 45 2.09 -15.80 4.72
N LEU C 46 2.48 -16.22 5.91
CA LEU C 46 2.77 -15.30 7.05
C LEU C 46 4.26 -15.36 7.35
N LEU C 47 4.90 -14.26 7.64
CA LEU C 47 6.33 -14.37 7.91
C LEU C 47 6.59 -15.46 8.95
N ALA C 48 5.92 -15.34 10.08
CA ALA C 48 6.08 -16.27 11.21
C ALA C 48 6.03 -17.73 10.74
N ASN C 49 5.48 -17.94 9.54
CA ASN C 49 5.35 -19.30 9.00
C ASN C 49 6.47 -19.65 8.10
N PHE C 50 7.18 -18.62 7.80
CA PHE C 50 8.32 -18.68 6.95
C PHE C 50 9.58 -18.88 7.75
N LEU C 51 9.51 -18.35 8.95
CA LEU C 51 10.64 -18.35 9.89
C LEU C 51 10.66 -19.62 10.76
N THR C 52 9.48 -20.15 11.02
CA THR C 52 9.30 -21.39 11.81
C THR C 52 9.56 -22.64 10.92
N GLU C 53 10.59 -22.55 9.87
CA GLU C 53 10.65 -23.65 8.90
C GLU C 53 12.02 -24.36 8.95
N GLY C 54 12.34 -24.88 10.13
CA GLY C 54 13.61 -25.60 10.39
C GLY C 54 14.13 -25.31 11.80
N ASN C 55 14.85 -26.25 12.35
CA ASN C 55 15.42 -26.13 13.70
C ASN C 55 16.92 -25.82 13.54
N PHE C 56 17.17 -24.49 13.51
CA PHE C 56 18.50 -23.91 13.29
C PHE C 56 18.96 -22.90 14.39
N ARG C 57 19.91 -23.38 15.18
CA ARG C 57 20.65 -22.65 16.25
C ARG C 57 19.89 -21.53 17.07
N ALA C 58 19.29 -20.54 16.41
CA ALA C 58 18.58 -19.46 17.16
C ALA C 58 17.08 -19.57 16.96
N SER C 59 16.75 -20.71 16.41
CA SER C 59 15.38 -21.07 16.08
C SER C 59 14.50 -21.02 17.33
N VAL C 60 14.94 -21.68 18.40
CA VAL C 60 14.17 -21.68 19.66
C VAL C 60 14.24 -20.30 20.29
N ASP C 61 15.30 -19.61 19.93
CA ASP C 61 15.58 -18.27 20.43
C ASP C 61 14.59 -17.27 19.84
N LEU C 62 14.12 -17.64 18.68
CA LEU C 62 13.13 -16.86 17.95
C LEU C 62 11.78 -17.02 18.65
N GLN C 63 11.56 -18.25 19.08
CA GLN C 63 10.32 -18.70 19.75
C GLN C 63 10.27 -18.41 21.26
N ARG C 64 11.39 -18.57 21.93
CA ARG C 64 11.40 -18.36 23.39
C ARG C 64 12.39 -17.23 23.78
N THR C 65 11.95 -16.06 23.33
CA THR C 65 12.59 -14.72 23.50
C THR C 65 11.51 -13.67 23.09
N HIS C 66 11.14 -12.81 24.05
CA HIS C 66 9.98 -11.85 23.93
C HIS C 66 10.19 -10.52 23.28
N ARG C 67 11.45 -10.21 23.17
CA ARG C 67 11.89 -8.95 22.60
C ARG C 67 13.17 -9.15 21.84
N ILE C 68 13.06 -8.92 20.57
CA ILE C 68 14.17 -9.03 19.65
C ILE C 68 14.39 -7.67 19.04
N LYS C 69 15.49 -7.07 19.43
CA LYS C 69 15.83 -5.72 18.98
C LYS C 69 16.88 -5.77 17.87
N GLY C 70 16.66 -6.67 16.95
CA GLY C 70 17.55 -6.84 15.79
C GLY C 70 16.69 -7.10 14.54
N MET C 71 17.31 -7.32 13.43
CA MET C 71 16.59 -7.34 12.13
C MET C 71 16.54 -8.65 11.35
N ILE C 72 15.39 -8.91 10.76
CA ILE C 72 15.21 -10.14 9.95
C ILE C 72 15.96 -9.97 8.60
N LYS C 73 16.92 -10.86 8.42
CA LYS C 73 17.83 -10.89 7.25
C LYS C 73 17.57 -12.09 6.34
N MET C 74 17.29 -11.80 5.12
CA MET C 74 17.01 -12.84 4.15
C MET C 74 18.20 -12.95 3.22
N VAL C 75 18.48 -14.17 2.84
CA VAL C 75 19.53 -14.46 1.85
C VAL C 75 18.96 -15.53 0.94
N ALA C 76 18.77 -15.09 -0.28
CA ALA C 76 18.17 -15.88 -1.36
C ALA C 76 19.12 -16.36 -2.37
N THR C 77 18.75 -17.51 -2.97
CA THR C 77 19.73 -18.04 -3.85
C THR C 77 19.22 -19.05 -4.88
N VAL C 78 19.45 -18.65 -6.11
CA VAL C 78 19.17 -19.47 -7.30
C VAL C 78 19.90 -18.85 -8.47
N GLY C 79 20.66 -19.72 -9.10
CA GLY C 79 21.49 -19.40 -10.25
C GLY C 79 20.79 -19.85 -11.52
N ILE C 80 20.79 -18.94 -12.46
CA ILE C 80 20.18 -19.12 -13.77
C ILE C 80 21.19 -18.64 -14.81
N PRO C 81 21.45 -19.35 -15.93
CA PRO C 81 22.46 -18.92 -16.87
C PRO C 81 22.11 -17.60 -17.47
N GLU C 82 23.04 -17.09 -18.17
CA GLU C 82 22.89 -15.84 -18.87
C GLU C 82 21.94 -15.81 -20.11
N ASN C 83 21.35 -16.91 -20.58
CA ASN C 83 20.45 -16.77 -21.76
C ASN C 83 19.01 -16.86 -21.37
N THR C 84 18.73 -16.60 -20.14
CA THR C 84 17.35 -16.59 -19.73
C THR C 84 17.22 -15.71 -18.50
N GLY C 85 16.04 -15.55 -18.03
CA GLY C 85 15.86 -14.71 -16.87
C GLY C 85 14.44 -14.67 -16.42
N ILE C 86 14.38 -14.63 -15.14
CA ILE C 86 13.17 -14.54 -14.38
C ILE C 86 13.34 -13.33 -13.49
N ALA C 87 12.22 -12.76 -13.12
CA ALA C 87 12.18 -11.58 -12.27
C ALA C 87 11.30 -11.85 -11.04
N LEU C 88 11.99 -12.23 -9.98
CA LEU C 88 11.35 -12.57 -8.69
C LEU C 88 11.39 -11.37 -7.75
N ALA C 89 10.53 -11.47 -6.73
CA ALA C 89 10.41 -10.41 -5.70
C ALA C 89 9.91 -10.97 -4.36
N CYS C 90 10.46 -10.40 -3.31
CA CYS C 90 10.07 -10.73 -1.92
C CYS C 90 9.48 -9.45 -1.30
N ALA C 91 8.19 -9.51 -1.05
CA ALA C 91 7.43 -8.37 -0.52
C ALA C 91 6.93 -8.63 0.88
N MET C 92 7.44 -7.87 1.69
CA MET C 92 7.04 -7.94 3.10
C MET C 92 6.20 -6.68 3.44
N ASN C 93 4.93 -6.96 3.71
CA ASN C 93 3.92 -5.94 4.13
C ASN C 93 3.55 -6.28 5.61
N SER C 94 2.79 -5.38 6.29
CA SER C 94 2.54 -5.49 7.78
C SER C 94 1.23 -6.18 8.24
N SER C 95 0.37 -6.55 7.29
CA SER C 95 -0.91 -7.21 7.62
C SER C 95 -1.70 -7.49 6.34
N ILE C 96 -2.60 -8.44 6.43
CA ILE C 96 -3.51 -8.74 5.33
C ILE C 96 -4.89 -8.82 5.91
N ARG C 97 -5.72 -8.09 5.28
CA ARG C 97 -7.10 -8.02 5.64
C ARG C 97 -7.90 -8.60 4.49
N GLY C 98 -7.96 -9.92 4.48
CA GLY C 98 -8.83 -10.66 3.52
C GLY C 98 -8.09 -11.26 2.31
N ARG C 99 -8.98 -11.55 1.31
CA ARG C 99 -8.49 -11.95 -0.02
C ARG C 99 -7.92 -10.74 -0.73
N ALA C 100 -6.65 -10.52 -0.48
CA ALA C 100 -5.94 -9.37 -1.00
C ALA C 100 -5.15 -9.65 -2.27
N SER C 101 -4.82 -8.51 -2.82
CA SER C 101 -4.08 -8.33 -4.04
C SER C 101 -2.60 -8.61 -3.84
N SER C 102 -2.09 -9.22 -4.89
CA SER C 102 -0.69 -9.59 -5.00
C SER C 102 -0.21 -9.19 -6.39
N ASP C 103 -0.22 -7.90 -6.61
CA ASP C 103 0.24 -7.28 -7.86
C ASP C 103 1.72 -7.05 -7.64
N ILE C 104 2.11 -5.83 -7.74
CA ILE C 104 3.44 -5.49 -7.35
C ILE C 104 3.28 -4.05 -6.84
N TYR C 105 2.24 -3.38 -7.31
CA TYR C 105 1.90 -2.04 -6.83
C TYR C 105 1.54 -2.11 -5.37
N THR C 106 0.62 -3.03 -5.18
CA THR C 106 0.04 -3.32 -3.90
C THR C 106 1.07 -3.96 -2.93
N ILE C 107 2.02 -4.76 -3.40
CA ILE C 107 2.96 -5.44 -2.44
C ILE C 107 4.43 -4.88 -2.35
N CYS C 108 4.72 -3.62 -2.79
CA CYS C 108 6.18 -3.12 -2.78
C CYS C 108 6.48 -1.78 -1.99
N SER C 109 5.53 -1.31 -1.22
CA SER C 109 5.62 -0.01 -0.46
C SER C 109 6.48 -0.05 0.82
N GLN C 110 6.30 -1.12 1.60
CA GLN C 110 7.02 -1.28 2.88
C GLN C 110 8.50 -1.64 2.62
N ASP C 111 8.77 -2.93 2.37
CA ASP C 111 10.15 -3.43 2.12
C ASP C 111 10.16 -4.67 1.17
N CYS C 112 10.43 -4.45 -0.12
CA CYS C 112 10.49 -5.55 -1.15
C CYS C 112 11.63 -5.28 -2.18
N GLU C 113 12.24 -6.38 -2.76
CA GLU C 113 13.30 -6.18 -3.76
C GLU C 113 13.12 -7.19 -4.92
N LEU C 114 13.29 -6.64 -6.12
CA LEU C 114 13.19 -7.39 -7.41
C LEU C 114 14.61 -7.78 -7.85
N TRP C 115 14.74 -8.99 -8.36
CA TRP C 115 16.05 -9.49 -8.78
C TRP C 115 15.94 -10.58 -9.86
N ASN C 116 16.79 -10.40 -10.87
CA ASN C 116 16.94 -11.35 -12.00
C ASN C 116 18.10 -12.27 -11.66
N PRO C 117 17.82 -13.52 -11.32
CA PRO C 117 18.85 -14.44 -10.89
C PRO C 117 19.97 -14.57 -11.89
N ALA C 118 19.73 -14.28 -13.15
CA ALA C 118 20.79 -14.40 -14.18
C ALA C 118 21.93 -13.40 -13.90
N CYS C 119 21.54 -12.31 -13.28
CA CYS C 119 22.44 -11.18 -12.96
C CYS C 119 22.82 -11.13 -11.47
N THR C 120 21.84 -11.32 -10.61
CA THR C 120 22.07 -11.31 -9.15
C THR C 120 21.78 -12.72 -8.59
N LYS C 121 22.92 -13.48 -8.43
CA LYS C 121 22.87 -14.90 -7.96
C LYS C 121 22.70 -15.07 -6.44
N ALA C 122 22.64 -13.95 -5.72
CA ALA C 122 22.38 -14.00 -4.24
C ALA C 122 22.07 -12.58 -3.67
N MET C 123 20.76 -12.44 -3.33
CA MET C 123 20.12 -11.21 -2.75
C MET C 123 20.02 -11.35 -1.22
N THR C 124 20.07 -10.18 -0.62
CA THR C 124 20.00 -10.00 0.84
C THR C 124 19.21 -8.76 1.19
N MET C 125 18.07 -9.01 1.73
CA MET C 125 17.21 -7.95 2.22
C MET C 125 17.20 -8.06 3.74
N SER C 126 17.08 -6.96 4.39
CA SER C 126 16.97 -6.74 5.85
C SER C 126 15.83 -5.77 6.14
N PHE C 127 14.96 -6.15 7.05
CA PHE C 127 13.84 -5.27 7.41
C PHE C 127 13.55 -5.28 8.91
N ASN C 128 12.79 -4.26 9.27
CA ASN C 128 12.29 -4.01 10.64
C ASN C 128 10.77 -4.06 10.65
N PRO C 129 10.21 -5.20 11.03
CA PRO C 129 8.76 -5.41 11.01
C PRO C 129 7.91 -4.52 11.90
N ASN C 130 8.42 -3.87 12.91
CA ASN C 130 7.50 -2.97 13.67
C ASN C 130 7.80 -1.52 13.24
N PRO C 131 7.46 -1.07 12.02
CA PRO C 131 7.92 0.23 11.53
C PRO C 131 7.72 1.30 12.53
N CYS C 132 7.20 0.93 13.67
CA CYS C 132 6.90 1.93 14.69
C CYS C 132 7.87 1.93 15.87
N SER C 133 8.72 0.95 15.96
CA SER C 133 9.65 0.91 17.09
C SER C 133 10.90 0.10 16.78
N ASP C 134 11.55 -0.34 17.85
CA ASP C 134 12.86 -0.99 17.73
C ASP C 134 12.92 -2.50 18.06
N ALA C 135 11.81 -3.13 18.40
CA ALA C 135 11.84 -4.57 18.73
C ALA C 135 10.67 -5.33 18.09
N TRP C 136 10.96 -6.67 17.89
CA TRP C 136 9.83 -7.50 17.47
C TRP C 136 9.81 -8.81 18.24
N SER C 137 8.73 -9.49 18.03
CA SER C 137 8.44 -10.78 18.63
C SER C 137 7.86 -11.69 17.58
N LEU C 138 7.93 -12.96 17.84
CA LEU C 138 7.34 -13.93 16.92
C LEU C 138 5.84 -13.87 17.14
N GLU C 139 5.44 -13.71 18.37
CA GLU C 139 4.04 -13.67 18.64
C GLU C 139 3.50 -12.48 17.98
N PHE C 140 4.36 -11.54 17.69
CA PHE C 140 3.93 -10.27 17.04
C PHE C 140 3.63 -10.50 15.55
N LEU C 141 4.61 -11.12 15.00
CA LEU C 141 4.64 -11.54 13.65
C LEU C 141 3.42 -12.43 13.40
N LYS C 142 3.12 -13.22 14.40
CA LYS C 142 2.03 -14.20 14.37
C LYS C 142 0.66 -13.51 14.43
N ARG C 143 0.38 -12.87 15.54
CA ARG C 143 -0.94 -12.29 15.82
C ARG C 143 -1.15 -10.88 15.26
N THR C 144 -0.45 -10.52 14.21
CA THR C 144 -0.61 -9.18 13.63
C THR C 144 -0.76 -9.26 12.10
N GLY C 145 -0.22 -10.34 11.55
CA GLY C 145 -0.37 -10.67 10.11
C GLY C 145 0.86 -10.39 9.28
N PHE C 146 2.02 -10.53 9.78
CA PHE C 146 3.11 -10.07 8.90
C PHE C 146 3.22 -11.02 7.76
N HIS C 147 3.21 -10.40 6.66
CA HIS C 147 3.09 -11.15 5.39
C HIS C 147 4.37 -11.07 4.58
N CYS C 148 4.55 -12.13 3.84
CA CYS C 148 5.64 -12.28 2.89
C CYS C 148 5.08 -12.90 1.64
N ASP C 149 5.23 -12.18 0.58
CA ASP C 149 4.77 -12.63 -0.72
C ASP C 149 5.99 -12.75 -1.62
N ILE C 150 6.10 -13.90 -2.24
CA ILE C 150 7.18 -14.17 -3.20
C ILE C 150 6.50 -14.38 -4.56
N ILE C 151 6.70 -13.41 -5.44
CA ILE C 151 6.05 -13.41 -6.77
C ILE C 151 7.04 -13.24 -7.92
N CYS C 152 6.57 -13.70 -9.08
CA CYS C 152 7.30 -13.61 -10.37
C CYS C 152 6.67 -12.48 -11.18
N VAL C 153 7.47 -11.48 -11.53
CA VAL C 153 6.95 -10.27 -12.19
C VAL C 153 7.07 -10.32 -13.70
N THR C 154 8.05 -11.02 -14.14
CA THR C 154 8.27 -11.19 -15.54
C THR C 154 9.01 -12.48 -15.72
N GLY C 155 8.14 -13.42 -16.05
CA GLY C 155 8.40 -14.84 -16.27
C GLY C 155 9.66 -15.05 -17.09
N TRP C 156 10.07 -16.39 -17.15
CA TRP C 156 11.23 -16.97 -17.84
C TRP C 156 11.27 -16.48 -19.31
N THR C 157 12.49 -16.23 -19.77
CA THR C 157 12.79 -15.76 -21.15
C THR C 157 13.05 -16.97 -22.05
N ALA C 158 13.71 -17.87 -21.38
CA ALA C 158 14.04 -19.19 -21.86
C ALA C 158 13.60 -20.12 -20.76
N THR C 159 12.96 -21.13 -21.20
CA THR C 159 12.46 -22.12 -20.30
C THR C 159 13.56 -23.14 -20.07
N PRO C 160 13.96 -23.23 -18.79
CA PRO C 160 15.00 -24.13 -18.32
C PRO C 160 14.63 -25.55 -18.61
N MET C 161 15.61 -26.40 -18.42
CA MET C 161 15.48 -27.83 -18.76
C MET C 161 14.61 -28.61 -17.77
N GLN C 162 14.61 -28.22 -16.52
CA GLN C 162 13.77 -28.88 -15.50
C GLN C 162 13.37 -27.80 -14.51
N ASP C 163 12.71 -28.18 -13.46
CA ASP C 163 12.25 -27.19 -12.46
C ASP C 163 13.42 -26.59 -11.68
N VAL C 164 13.12 -25.49 -11.04
CA VAL C 164 14.09 -24.76 -10.21
C VAL C 164 13.50 -24.44 -8.84
N GLN C 165 14.42 -24.22 -7.94
CA GLN C 165 14.13 -23.97 -6.53
C GLN C 165 15.01 -22.85 -5.99
N VAL C 166 14.35 -21.88 -5.40
CA VAL C 166 15.03 -20.74 -4.79
C VAL C 166 15.14 -21.05 -3.33
N THR C 167 16.32 -21.03 -2.72
CA THR C 167 16.38 -21.34 -1.26
C THR C 167 16.66 -20.04 -0.55
N ILE C 168 15.74 -19.66 0.32
CA ILE C 168 15.89 -18.42 1.11
C ILE C 168 16.36 -18.83 2.54
N ASP C 169 17.45 -18.24 3.01
CA ASP C 169 18.09 -18.45 4.33
C ASP C 169 17.68 -17.28 5.17
N TRP C 170 17.09 -17.63 6.23
CA TRP C 170 16.63 -16.61 7.13
C TRP C 170 17.43 -16.49 8.39
N PHE C 171 17.66 -15.23 8.81
CA PHE C 171 18.50 -15.00 9.97
C PHE C 171 18.16 -13.75 10.85
N ILE C 172 18.69 -13.65 11.98
CA ILE C 172 18.49 -12.44 12.84
C ILE C 172 19.79 -11.65 12.73
N SER C 173 19.68 -10.37 12.56
CA SER C 173 20.88 -9.60 12.31
C SER C 173 21.45 -8.89 13.50
N SER C 174 22.68 -8.55 13.20
CA SER C 174 23.55 -7.86 14.09
C SER C 174 23.20 -6.37 14.14
N GLN C 175 22.25 -5.93 13.35
CA GLN C 175 21.96 -4.50 13.33
C GLN C 175 20.54 -4.15 13.78
N GLU C 176 20.55 -3.07 14.52
CA GLU C 176 19.38 -2.52 15.18
C GLU C 176 18.31 -2.08 14.23
N CYS C 177 17.12 -2.10 14.80
CA CYS C 177 15.91 -1.73 14.11
C CYS C 177 15.64 -0.25 14.35
N VAL C 178 15.41 0.38 13.23
CA VAL C 178 15.15 1.81 13.16
C VAL C 178 13.79 2.05 12.49
N PRO C 179 12.93 2.81 13.19
CA PRO C 179 11.59 3.14 12.73
C PRO C 179 11.55 3.96 11.47
N ARG C 180 10.35 3.97 10.92
CA ARG C 180 10.02 4.68 9.68
C ARG C 180 8.52 4.79 9.67
N THR C 181 8.23 5.92 10.21
CA THR C 181 6.92 6.44 10.42
C THR C 181 6.70 7.53 9.39
N TYR C 182 5.44 7.80 9.23
CA TYR C 182 4.94 8.76 8.27
C TYR C 182 3.93 9.73 8.94
N CYS C 183 4.28 11.01 8.94
CA CYS C 183 3.37 12.10 9.34
C CYS C 183 2.72 12.47 8.02
N VAL C 184 1.44 12.53 7.94
CA VAL C 184 0.83 12.64 6.61
C VAL C 184 0.67 14.03 6.10
N LEU C 185 0.83 14.90 7.00
CA LEU C 185 0.59 16.27 6.74
C LEU C 185 1.84 17.08 6.87
N ASN C 186 2.92 16.39 7.21
CA ASN C 186 4.24 17.02 7.37
C ASN C 186 5.35 16.04 7.02
N PRO C 187 5.39 15.71 5.75
CA PRO C 187 6.29 14.73 5.22
C PRO C 187 7.69 15.03 5.54
N GLN C 188 8.41 13.99 5.39
CA GLN C 188 9.80 14.02 5.69
C GLN C 188 10.61 14.20 4.44
N ASN C 189 11.85 13.93 4.58
CA ASN C 189 12.76 14.08 3.47
C ASN C 189 14.01 13.30 3.73
N PRO C 190 14.41 12.46 2.78
CA PRO C 190 13.60 12.18 1.58
C PRO C 190 12.37 11.29 1.84
N PHE C 191 11.20 11.76 1.37
CA PHE C 191 9.94 10.98 1.42
C PHE C 191 10.11 9.66 0.67
N VAL C 192 9.80 8.59 1.35
CA VAL C 192 9.84 7.22 0.79
C VAL C 192 8.45 6.93 0.21
N LEU C 193 8.39 6.61 -1.08
CA LEU C 193 7.09 6.33 -1.74
C LEU C 193 7.02 4.89 -2.27
N ASN C 194 8.09 4.50 -2.97
CA ASN C 194 8.21 3.13 -3.56
C ASN C 194 6.93 2.79 -4.32
N ARG C 195 6.91 3.14 -5.55
CA ARG C 195 5.74 2.96 -6.34
C ARG C 195 6.06 2.24 -7.63
N TRP C 196 5.32 1.17 -7.90
CA TRP C 196 5.50 0.52 -9.18
C TRP C 196 4.95 1.52 -10.16
N MET C 197 5.82 2.09 -10.96
CA MET C 197 5.38 3.08 -11.92
C MET C 197 5.14 2.43 -13.27
N GLY C 198 5.42 1.14 -13.38
CA GLY C 198 5.15 0.42 -14.62
C GLY C 198 6.18 -0.63 -15.02
N LYS C 199 5.65 -1.52 -15.82
CA LYS C 199 6.34 -2.66 -16.43
C LYS C 199 6.38 -2.36 -17.92
N LEU C 200 7.47 -1.78 -18.30
CA LEU C 200 7.68 -1.35 -19.67
C LEU C 200 8.28 -2.49 -20.50
N THR C 201 7.53 -2.78 -21.56
CA THR C 201 7.86 -3.86 -22.49
C THR C 201 8.11 -3.26 -23.91
N PHE C 202 9.29 -3.54 -24.41
CA PHE C 202 9.75 -3.06 -25.72
C PHE C 202 9.99 -4.26 -26.69
N PRO C 203 9.09 -4.54 -27.67
CA PRO C 203 9.27 -5.66 -28.59
C PRO C 203 10.54 -5.51 -29.41
N GLN C 204 11.01 -6.65 -29.91
CA GLN C 204 12.22 -6.73 -30.74
C GLN C 204 11.96 -6.09 -32.11
N GLY C 205 12.89 -5.22 -32.50
CA GLY C 205 12.80 -4.52 -33.79
C GLY C 205 13.28 -3.06 -33.68
N THR C 206 12.81 -2.29 -34.65
CA THR C 206 13.16 -0.87 -34.80
C THR C 206 11.93 0.04 -34.58
N SER C 207 11.22 -0.24 -33.51
CA SER C 207 10.02 0.55 -33.11
C SER C 207 10.39 1.46 -31.93
N ARG C 208 10.16 2.75 -32.05
CA ARG C 208 10.54 3.67 -30.96
C ARG C 208 9.81 3.25 -29.66
N SER C 209 8.99 2.23 -29.86
CA SER C 209 8.07 1.60 -28.87
C SER C 209 7.99 2.43 -27.56
N VAL C 210 7.66 3.70 -27.81
CA VAL C 210 7.48 4.82 -26.84
C VAL C 210 6.39 4.54 -25.79
N LYS C 211 6.90 4.56 -24.57
CA LYS C 211 6.12 4.33 -23.35
C LYS C 211 6.06 5.64 -22.51
N ARG C 212 4.83 6.14 -22.33
CA ARG C 212 4.54 7.38 -21.53
C ARG C 212 3.90 6.98 -20.18
N MET C 213 4.44 7.54 -19.09
CA MET C 213 3.97 7.26 -17.70
C MET C 213 3.48 8.53 -16.98
N PRO C 214 2.21 8.57 -16.53
CA PRO C 214 1.68 9.74 -15.81
C PRO C 214 2.47 10.02 -14.54
N LEU C 215 2.80 11.31 -14.35
CA LEU C 215 3.58 11.81 -13.19
C LEU C 215 2.64 12.27 -12.06
N SER C 216 1.36 12.09 -12.37
CA SER C 216 0.25 12.29 -11.42
C SER C 216 0.22 10.97 -10.71
N ILE C 217 0.29 10.90 -9.44
CA ILE C 217 0.44 9.55 -8.95
C ILE C 217 -0.43 9.21 -7.72
N GLY C 218 -1.69 9.68 -7.69
CA GLY C 218 -2.60 9.47 -6.52
C GLY C 218 -3.86 8.67 -6.86
N GLY C 219 -4.12 7.74 -5.99
CA GLY C 219 -5.20 6.80 -6.12
C GLY C 219 -4.50 5.49 -6.22
N GLY C 220 -3.52 5.53 -7.06
CA GLY C 220 -2.67 4.41 -7.26
C GLY C 220 -2.89 3.78 -8.59
N ALA C 221 -3.07 2.49 -8.48
CA ALA C 221 -3.23 1.62 -9.62
C ALA C 221 -4.67 1.38 -9.99
N GLY C 222 -4.84 1.27 -11.27
CA GLY C 222 -6.13 1.03 -11.85
C GLY C 222 -6.35 -0.47 -11.95
N ALA C 223 -7.59 -0.79 -11.89
CA ALA C 223 -8.06 -2.15 -12.01
C ALA C 223 -9.36 -2.08 -12.78
N LYS C 224 -9.74 -3.18 -13.37
CA LYS C 224 -11.02 -3.19 -14.05
C LYS C 224 -12.06 -3.09 -12.94
N SER C 225 -12.65 -1.90 -12.90
CA SER C 225 -13.71 -1.52 -11.96
C SER C 225 -13.19 -1.18 -10.56
N ALA C 226 -11.88 -1.05 -10.38
CA ALA C 226 -11.35 -0.74 -9.04
C ALA C 226 -10.00 -0.04 -9.07
N ILE C 227 -9.65 0.38 -7.86
CA ILE C 227 -8.39 1.06 -7.55
C ILE C 227 -7.59 0.16 -6.56
N LEU C 228 -6.30 0.03 -6.87
CA LEU C 228 -5.30 -0.75 -6.05
C LEU C 228 -4.52 0.23 -5.19
N MET C 229 -4.22 -0.09 -3.91
CA MET C 229 -3.53 0.92 -3.06
C MET C 229 -2.51 0.40 -2.00
N ASN C 230 -1.47 1.27 -1.86
CA ASN C 230 -0.32 1.14 -0.92
C ASN C 230 -0.08 2.52 -0.19
N MET C 231 -0.08 2.48 1.13
CA MET C 231 0.10 3.68 2.03
C MET C 231 0.92 4.83 1.40
N PRO C 232 2.16 4.60 0.99
CA PRO C 232 3.00 5.67 0.47
C PRO C 232 2.32 6.43 -0.64
N ASN C 233 1.22 5.90 -1.10
CA ASN C 233 0.45 6.57 -2.14
C ASN C 233 -0.80 7.16 -1.54
N ALA C 234 -1.31 6.43 -0.59
CA ALA C 234 -2.50 6.83 0.14
C ALA C 234 -2.29 8.26 0.62
N VAL C 235 -1.20 8.42 1.34
CA VAL C 235 -0.79 9.71 1.94
C VAL C 235 -0.52 10.78 0.85
N LEU C 236 0.31 10.45 -0.14
CA LEU C 236 0.63 11.42 -1.23
C LEU C 236 -0.65 12.08 -1.70
N SER C 237 -1.62 11.22 -1.92
CA SER C 237 -2.94 11.60 -2.42
C SER C 237 -3.71 12.42 -1.39
N MET C 238 -3.19 12.50 -0.19
CA MET C 238 -3.82 13.29 0.87
C MET C 238 -3.61 14.77 0.54
N TRP C 239 -2.52 15.00 -0.19
CA TRP C 239 -2.12 16.34 -0.63
C TRP C 239 -2.75 16.65 -1.95
N ARG C 240 -2.54 17.81 -2.41
CA ARG C 240 -3.22 18.19 -3.62
C ARG C 240 -2.20 18.38 -4.74
N TYR C 241 -1.32 19.32 -4.59
CA TYR C 241 -0.30 19.55 -5.61
C TYR C 241 1.07 19.07 -5.06
N PHE C 242 1.98 18.65 -5.96
CA PHE C 242 3.34 18.21 -5.52
C PHE C 242 4.43 18.49 -6.58
N VAL C 243 5.64 18.59 -6.01
CA VAL C 243 6.95 18.71 -6.71
C VAL C 243 8.01 18.02 -5.87
N GLY C 244 9.21 18.11 -6.37
CA GLY C 244 10.37 17.53 -5.71
C GLY C 244 11.23 16.88 -6.76
N ASP C 245 12.24 16.18 -6.32
CA ASP C 245 13.05 15.42 -7.26
C ASP C 245 12.58 13.99 -7.19
N LEU C 246 12.33 13.51 -8.36
CA LEU C 246 11.84 12.17 -8.54
C LEU C 246 13.01 11.27 -8.91
N VAL C 247 13.20 10.30 -8.04
CA VAL C 247 14.26 9.28 -8.17
C VAL C 247 13.64 7.93 -8.57
N PHE C 248 13.91 7.53 -9.80
CA PHE C 248 13.37 6.29 -10.38
C PHE C 248 14.46 5.21 -10.45
N GLU C 249 13.99 3.99 -10.37
CA GLU C 249 14.84 2.80 -10.36
C GLU C 249 14.41 1.84 -11.49
N VAL C 250 15.22 1.79 -12.54
CA VAL C 250 14.96 0.93 -13.72
C VAL C 250 15.71 -0.42 -13.59
N SER C 251 14.89 -1.48 -13.57
CA SER C 251 15.36 -2.89 -13.41
C SER C 251 15.16 -3.72 -14.70
N LYS C 252 16.09 -4.66 -14.91
CA LYS C 252 16.00 -5.42 -16.32
C LYS C 252 15.47 -6.65 -15.60
N MET C 253 14.56 -7.14 -16.41
CA MET C 253 13.89 -8.40 -16.10
C MET C 253 13.93 -9.36 -17.26
N THR C 254 14.64 -9.31 -18.22
CA THR C 254 14.70 -10.17 -19.36
C THR C 254 16.14 -10.71 -19.39
N SER C 255 16.43 -11.57 -20.32
CA SER C 255 17.73 -12.22 -20.30
C SER C 255 18.84 -11.37 -20.81
N PRO C 256 19.90 -11.19 -20.13
CA PRO C 256 21.01 -10.37 -20.46
C PRO C 256 21.26 -10.36 -21.93
N TYR C 257 20.45 -11.29 -22.78
CA TYR C 257 20.71 -11.46 -24.23
C TYR C 257 19.83 -10.65 -25.11
N ILE C 258 18.92 -10.05 -24.48
CA ILE C 258 18.01 -9.18 -25.10
C ILE C 258 18.52 -7.85 -24.76
N LYS C 259 18.90 -7.18 -25.76
CA LYS C 259 19.64 -5.80 -25.85
C LYS C 259 18.79 -4.80 -26.24
N CYS C 260 18.92 -3.64 -25.58
CA CYS C 260 18.27 -2.39 -26.03
C CYS C 260 18.92 -1.16 -25.31
N THR C 261 18.97 -0.06 -26.05
CA THR C 261 19.36 1.22 -25.39
C THR C 261 18.11 2.07 -25.31
N VAL C 262 17.75 2.29 -24.06
CA VAL C 262 16.46 2.98 -23.72
C VAL C 262 16.76 4.46 -23.40
N SER C 263 15.94 5.35 -23.94
CA SER C 263 16.10 6.82 -23.74
C SER C 263 14.96 7.37 -22.88
N PHE C 264 15.34 7.96 -21.75
CA PHE C 264 14.40 8.54 -20.77
C PHE C 264 14.51 10.07 -20.73
N PHE C 265 13.35 10.72 -20.65
CA PHE C 265 13.27 12.18 -20.55
C PHE C 265 11.96 12.59 -19.88
N ILE C 266 11.67 13.87 -19.91
CA ILE C 266 10.48 14.41 -19.25
C ILE C 266 9.76 15.41 -20.13
N ALA C 267 8.53 15.10 -20.40
CA ALA C 267 7.73 15.95 -21.23
C ALA C 267 6.28 15.88 -20.84
N PHE C 268 5.52 16.27 -21.83
CA PHE C 268 4.09 16.36 -21.75
C PHE C 268 3.51 15.37 -22.77
N GLY C 269 2.22 15.14 -22.66
CA GLY C 269 1.52 14.14 -23.49
C GLY C 269 1.07 14.64 -24.87
N ASN C 270 1.23 15.92 -25.16
CA ASN C 270 0.74 16.42 -26.47
C ASN C 270 1.58 16.00 -27.65
N LEU C 271 2.71 15.41 -27.40
CA LEU C 271 3.60 15.08 -28.50
C LEU C 271 3.36 13.70 -29.06
N ALA C 272 3.46 13.74 -30.38
CA ALA C 272 3.32 12.63 -31.28
C ALA C 272 4.52 11.70 -31.08
N ASP C 273 4.30 10.46 -31.44
CA ASP C 273 5.31 9.39 -31.30
C ASP C 273 6.45 9.54 -32.32
N ASP C 274 6.20 10.34 -33.33
CA ASP C 274 7.17 10.58 -34.40
C ASP C 274 7.85 11.92 -34.22
N THR C 275 8.15 12.25 -32.99
CA THR C 275 8.80 13.51 -32.72
C THR C 275 10.32 13.38 -32.73
N ILE C 276 10.83 13.45 -33.93
CA ILE C 276 12.26 13.42 -34.20
C ILE C 276 13.06 14.11 -33.09
N ASN C 277 12.61 15.30 -32.87
CA ASN C 277 13.23 16.30 -32.00
C ASN C 277 13.22 16.07 -30.45
N PHE C 278 12.72 14.99 -29.86
CA PHE C 278 12.76 14.97 -28.35
C PHE C 278 14.19 14.98 -27.77
N GLU C 279 15.03 14.12 -28.31
CA GLU C 279 16.40 13.93 -27.78
C GLU C 279 17.18 15.26 -27.74
N ALA C 280 16.44 16.35 -27.91
CA ALA C 280 16.97 17.73 -27.84
C ALA C 280 16.35 18.39 -26.61
N PHE C 281 16.02 17.47 -25.75
CA PHE C 281 15.41 17.66 -24.45
C PHE C 281 16.37 17.11 -23.44
N PRO C 282 16.44 17.49 -22.16
CA PRO C 282 17.31 16.76 -21.32
C PRO C 282 16.82 15.34 -21.36
N HIS C 283 17.75 14.47 -21.60
CA HIS C 283 17.47 13.06 -21.70
C HIS C 283 18.67 12.28 -21.22
N LYS C 284 18.42 11.07 -20.77
CA LYS C 284 19.50 10.18 -20.34
C LYS C 284 19.30 8.80 -20.92
N LEU C 285 20.37 8.42 -21.58
CA LEU C 285 20.44 7.15 -22.29
C LEU C 285 20.91 6.03 -21.35
N VAL C 286 20.13 4.95 -21.30
CA VAL C 286 20.43 3.79 -20.43
C VAL C 286 20.83 2.57 -21.29
N GLN C 287 21.76 1.83 -20.75
CA GLN C 287 22.30 0.62 -21.37
C GLN C 287 22.66 -0.34 -20.23
N PHE C 288 22.38 -1.59 -20.40
CA PHE C 288 22.64 -2.57 -19.34
C PHE C 288 23.79 -3.50 -19.68
N GLY C 289 24.64 -3.64 -18.67
CA GLY C 289 25.83 -4.50 -18.72
C GLY C 289 25.38 -5.92 -18.49
N GLU C 290 26.03 -6.83 -19.12
CA GLU C 290 25.49 -8.18 -19.10
C GLU C 290 24.87 -8.56 -17.79
N ILE C 291 25.60 -8.39 -16.75
CA ILE C 291 25.17 -8.97 -15.51
C ILE C 291 24.57 -7.87 -14.60
N GLN C 292 24.54 -6.67 -15.19
CA GLN C 292 23.98 -5.41 -14.62
C GLN C 292 22.46 -5.44 -14.80
N GLU C 293 21.78 -5.11 -13.74
CA GLU C 293 20.34 -5.20 -13.73
C GLU C 293 19.67 -3.97 -13.12
N LYS C 294 20.45 -3.08 -12.59
CA LYS C 294 19.83 -1.90 -11.98
C LYS C 294 20.55 -0.62 -12.29
N VAL C 295 19.77 0.21 -12.88
CA VAL C 295 20.12 1.55 -13.22
C VAL C 295 19.23 2.47 -12.40
N VAL C 296 19.86 3.33 -11.63
CA VAL C 296 19.14 4.32 -10.83
C VAL C 296 19.17 5.63 -11.59
N LEU C 297 17.99 6.17 -11.75
CA LEU C 297 17.78 7.38 -12.53
C LEU C 297 17.24 8.51 -11.65
N LYS C 298 17.89 9.66 -11.76
CA LYS C 298 17.51 10.86 -10.98
C LYS C 298 17.20 12.07 -11.86
N PHE C 299 15.97 12.51 -11.74
CA PHE C 299 15.50 13.70 -12.43
C PHE C 299 15.36 14.78 -11.39
N SER C 300 16.00 15.88 -11.67
CA SER C 300 16.00 16.98 -10.74
C SER C 300 14.83 17.86 -10.92
N GLN C 301 14.52 18.43 -9.82
CA GLN C 301 13.43 19.34 -9.61
C GLN C 301 13.46 20.53 -10.57
N GLU C 302 14.54 20.63 -11.31
CA GLU C 302 14.74 21.76 -12.22
C GLU C 302 14.27 21.44 -13.62
N GLU C 303 13.59 20.33 -13.69
CA GLU C 303 13.07 19.78 -14.94
C GLU C 303 11.57 20.00 -14.99
N PHE C 304 11.14 20.67 -13.96
CA PHE C 304 9.75 21.05 -13.73
C PHE C 304 9.70 22.47 -13.24
N LEU C 305 8.79 23.18 -13.79
CA LEU C 305 8.64 24.60 -13.50
C LEU C 305 7.72 24.88 -12.34
N THR C 306 6.56 24.29 -12.41
CA THR C 306 5.56 24.50 -11.39
C THR C 306 5.07 23.15 -10.92
N ALA C 307 4.65 23.16 -9.67
CA ALA C 307 4.13 21.97 -9.03
C ALA C 307 2.99 21.43 -9.88
N TRP C 308 2.78 20.15 -9.81
CA TRP C 308 1.68 19.59 -10.58
C TRP C 308 0.68 18.90 -9.67
N SER C 309 -0.44 18.61 -10.31
CA SER C 309 -1.61 17.97 -9.69
C SER C 309 -1.30 16.52 -9.40
N THR C 310 -1.77 16.15 -8.24
CA THR C 310 -1.58 14.83 -7.65
C THR C 310 -2.55 13.80 -8.26
N GLN C 311 -3.66 14.31 -8.76
CA GLN C 311 -4.69 13.49 -9.40
C GLN C 311 -5.24 14.23 -10.62
N VAL C 312 -5.62 13.46 -11.57
CA VAL C 312 -6.18 13.94 -12.82
C VAL C 312 -7.20 12.89 -13.18
N ARG C 313 -8.38 13.27 -13.60
CA ARG C 313 -9.39 12.23 -13.87
C ARG C 313 -8.86 11.24 -14.88
N PRO C 314 -9.30 10.02 -14.73
CA PRO C 314 -8.84 8.92 -15.53
C PRO C 314 -9.04 9.09 -17.04
N ALA C 315 -9.86 10.03 -17.48
CA ALA C 315 -10.16 10.11 -18.94
C ALA C 315 -9.40 11.20 -19.64
N THR C 316 -8.93 12.03 -18.82
CA THR C 316 -8.17 13.15 -19.24
C THR C 316 -7.25 12.64 -20.39
N THR C 317 -7.61 13.14 -21.57
CA THR C 317 -6.99 12.84 -22.88
C THR C 317 -5.57 13.38 -22.99
N LEU C 318 -4.69 12.48 -23.33
CA LEU C 318 -3.29 12.77 -23.55
C LEU C 318 -3.11 14.15 -24.20
N LEU C 319 -4.21 14.87 -24.36
CA LEU C 319 -4.14 16.19 -24.99
C LEU C 319 -4.53 17.26 -23.97
N ALA C 320 -4.88 16.79 -22.80
CA ALA C 320 -5.38 17.67 -21.72
C ALA C 320 -4.63 17.53 -20.40
N ASP C 321 -3.63 16.70 -20.38
CA ASP C 321 -2.81 16.58 -19.18
C ASP C 321 -1.92 17.80 -19.15
N GLY C 322 -1.92 18.43 -18.02
CA GLY C 322 -1.11 19.63 -17.80
C GLY C 322 -0.07 19.28 -16.79
N CYS C 323 -0.01 18.00 -16.60
CA CYS C 323 0.89 17.42 -15.66
C CYS C 323 1.99 16.67 -16.40
N PRO C 324 3.23 16.80 -15.91
CA PRO C 324 4.41 16.20 -16.54
C PRO C 324 4.35 14.69 -16.58
N TYR C 325 4.83 14.14 -17.71
CA TYR C 325 4.89 12.66 -17.92
C TYR C 325 6.39 12.20 -17.94
N LEU C 326 6.59 10.87 -17.79
CA LEU C 326 7.96 10.21 -17.82
C LEU C 326 8.02 9.25 -19.02
N TYR C 327 8.53 9.82 -20.10
CA TYR C 327 8.68 9.13 -21.40
C TYR C 327 9.94 8.24 -21.46
N ALA C 328 9.74 7.03 -21.96
CA ALA C 328 10.80 6.01 -22.19
C ALA C 328 10.73 5.63 -23.68
N MET C 329 11.88 5.57 -24.31
CA MET C 329 11.96 5.29 -25.76
C MET C 329 13.10 4.36 -26.12
N VAL C 330 13.00 3.77 -27.29
CA VAL C 330 14.10 2.96 -27.82
C VAL C 330 14.88 3.92 -28.73
N HIS C 331 16.14 4.07 -28.40
CA HIS C 331 17.05 5.01 -29.07
C HIS C 331 17.76 4.27 -30.19
N ASP C 332 17.68 2.97 -30.13
CA ASP C 332 18.22 2.14 -31.19
C ASP C 332 17.27 1.10 -31.65
N SER C 333 17.45 -0.02 -30.97
CA SER C 333 16.72 -1.22 -31.25
C SER C 333 16.88 -2.26 -30.17
N SER C 334 15.91 -3.12 -30.25
CA SER C 334 15.81 -4.31 -29.47
C SER C 334 16.37 -5.39 -30.35
N VAL C 335 17.34 -6.06 -29.84
CA VAL C 335 17.97 -7.08 -30.64
C VAL C 335 18.38 -8.23 -29.75
N SER C 336 18.18 -9.39 -30.30
CA SER C 336 18.50 -10.65 -29.65
C SER C 336 18.65 -11.74 -30.70
N THR C 337 19.04 -12.88 -30.21
CA THR C 337 19.26 -14.07 -31.02
C THR C 337 18.46 -15.22 -30.41
N ILE C 338 17.45 -14.80 -29.68
CA ILE C 338 16.50 -15.68 -28.97
C ILE C 338 15.17 -14.91 -28.81
N PRO C 339 13.98 -15.55 -28.94
CA PRO C 339 12.73 -14.83 -28.82
C PRO C 339 12.63 -14.25 -27.48
N GLY C 340 12.27 -13.02 -27.46
CA GLY C 340 12.16 -12.30 -26.21
C GLY C 340 11.78 -10.89 -26.48
N ASP C 341 11.30 -10.30 -25.40
CA ASP C 341 10.76 -8.96 -25.46
C ASP C 341 11.50 -8.15 -24.40
N PHE C 342 12.03 -7.02 -24.69
CA PHE C 342 12.84 -6.34 -23.58
C PHE C 342 11.92 -5.77 -22.51
N VAL C 343 12.14 -6.19 -21.29
CA VAL C 343 11.27 -5.77 -20.19
C VAL C 343 12.06 -5.20 -19.04
N ILE C 344 11.71 -3.99 -18.75
CA ILE C 344 12.32 -3.25 -17.66
C ILE C 344 11.19 -2.65 -16.83
N GLY C 345 11.35 -2.80 -15.52
CA GLY C 345 10.38 -2.30 -14.53
C GLY C 345 10.91 -1.02 -13.87
N VAL C 346 9.98 -0.08 -13.69
CA VAL C 346 10.28 1.24 -13.11
C VAL C 346 9.53 1.44 -11.79
N LYS C 347 10.30 1.83 -10.79
CA LYS C 347 9.83 2.05 -9.41
C LYS C 347 10.36 3.40 -8.89
N LEU C 348 9.42 4.24 -8.49
CA LEU C 348 9.72 5.57 -7.91
C LEU C 348 10.02 5.36 -6.44
N THR C 349 11.27 5.39 -6.19
CA THR C 349 11.81 5.08 -4.90
C THR C 349 11.58 6.25 -3.91
N ILE C 350 12.12 7.42 -4.20
CA ILE C 350 11.94 8.57 -3.28
C ILE C 350 11.80 9.89 -4.00
N ILE C 351 10.91 10.68 -3.44
CA ILE C 351 10.73 12.06 -3.82
C ILE C 351 11.57 12.81 -2.78
N GLU C 352 12.57 13.50 -3.27
CA GLU C 352 13.55 14.24 -2.43
C GLU C 352 13.41 15.73 -2.60
N ASN C 353 13.26 16.39 -1.49
CA ASN C 353 13.21 17.85 -1.49
C ASN C 353 11.87 18.33 -2.05
N MET C 354 10.89 17.64 -1.50
CA MET C 354 9.47 17.77 -1.82
C MET C 354 8.85 19.08 -1.33
N CYS C 355 7.82 19.42 -2.04
CA CYS C 355 6.98 20.56 -1.75
C CYS C 355 5.56 20.15 -2.10
N ALA C 356 4.73 20.24 -1.12
CA ALA C 356 3.33 19.88 -1.26
C ALA C 356 2.45 21.04 -0.86
N TYR C 357 1.97 21.71 -1.87
CA TYR C 357 1.06 22.83 -1.68
C TYR C 357 -0.39 22.29 -1.78
N GLY C 358 -1.14 22.14 -0.69
CA GLY C 358 -2.56 21.68 -0.88
C GLY C 358 -3.04 20.53 0.03
N LEU C 359 -4.26 20.11 -0.35
CA LEU C 359 -5.08 19.07 0.30
C LEU C 359 -6.15 18.57 -0.75
N ASN C 360 -6.04 17.30 -1.15
CA ASN C 360 -6.92 16.70 -2.22
C ASN C 360 -8.24 16.11 -1.69
N PRO C 361 -9.39 16.72 -2.04
CA PRO C 361 -10.71 16.20 -1.69
C PRO C 361 -10.91 14.84 -2.32
N GLY C 362 -10.25 14.63 -3.44
CA GLY C 362 -10.29 13.35 -4.17
C GLY C 362 -10.99 13.43 -5.53
N ILE C 363 -10.62 12.44 -6.32
CA ILE C 363 -11.14 12.19 -7.68
C ILE C 363 -11.22 10.68 -7.84
N SER C 364 -12.39 10.25 -8.22
CA SER C 364 -12.71 8.83 -8.33
C SER C 364 -11.80 8.03 -9.28
N GLY C 365 -11.22 7.01 -8.63
CA GLY C 365 -10.36 5.98 -9.25
C GLY C 365 -9.10 6.54 -9.89
N SER C 366 -8.48 5.69 -10.68
CA SER C 366 -7.26 6.08 -11.37
C SER C 366 -7.01 5.22 -12.58
N ARG C 367 -5.98 5.61 -13.29
CA ARG C 367 -5.71 4.90 -14.49
C ARG C 367 -4.74 3.76 -14.27
N LEU C 368 -4.70 3.04 -15.37
CA LEU C 368 -4.00 1.80 -15.53
C LEU C 368 -2.51 2.03 -15.71
N LEU C 369 -1.87 0.95 -15.43
N LEU C 369 -0.36 1.11 -13.89
CA LEU C 369 -0.44 0.82 -15.32
CA LEU C 369 -0.21 1.17 -15.34
C LEU C 369 -0.09 -0.50 -16.07
C LEU C 369 -0.10 -0.18 -15.95
N GLY C 370 1.01 -0.51 -16.85
N GLY C 370 -0.85 -0.22 -16.97
CA GLY C 370 1.42 -1.69 -17.70
CA GLY C 370 -0.94 -1.30 -17.87
C GLY C 370 1.66 -3.02 -16.91
C GLY C 370 -1.05 -0.66 -19.24
N THR C 371 1.51 -4.15 -17.65
N THR C 371 -1.52 0.59 -19.22
CA THR C 371 1.70 -5.56 -17.12
CA THR C 371 -1.80 1.34 -20.46
C THR C 371 1.53 -6.54 -18.26
C THR C 371 -0.70 2.32 -20.91
N ILE C 372 1.53 -7.83 -18.03
N ILE C 372 0.30 2.59 -20.10
CA ILE C 372 1.44 -8.63 -19.24
CA ILE C 372 1.29 3.63 -20.51
C ILE C 372 2.11 -9.99 -19.01
C ILE C 372 0.53 4.74 -21.27
N PRO C 373 2.46 -10.78 -20.04
N PRO C 373 0.90 5.16 -22.52
CA PRO C 373 3.10 -12.07 -19.79
CA PRO C 373 0.14 6.20 -23.20
C PRO C 373 4.52 -11.93 -19.26
C PRO C 373 -1.23 5.73 -23.51
N GLN C 374 5.15 -13.07 -19.19
N GLN C 374 -1.27 5.11 -24.67
CA GLN C 374 6.59 -13.28 -18.89
CA GLN C 374 -2.45 4.50 -25.24
C GLN C 374 7.28 -12.04 -18.27
C GLN C 374 -3.62 5.48 -25.22
#